data_4ITE
#
_entry.id   4ITE
#
_cell.length_a   44.760
_cell.length_b   51.531
_cell.length_c   131.781
_cell.angle_alpha   90.00
_cell.angle_beta   90.00
_cell.angle_gamma   90.00
#
_symmetry.space_group_name_H-M   'P 21 21 21'
#
loop_
_entity.id
_entity.type
_entity.pdbx_description
1 polymer 'Vitamin D3 receptor'
2 non-polymer (1R,2S,3S,5Z)-5-[(2E)-2-[(1R,3aS,7aR)-7a-methyl-1-[(2R)-6-methyl-6-oxidanyl-heptan-2-yl]-2,3,3a,5,6,7-hexahydro-1H-inden-4-ylidene]ethylidene]-4-methylidene-2-[2-(1,2,3,4-tetrazol-2-yl)ethyl]cyclohexane-1,3-diol
3 water water
#
_entity_poly.entity_id   1
_entity_poly.type   'polypeptide(L)'
_entity_poly.pdbx_seq_one_letter_code
;GSHMDSLRPKLSEEQQRIIAILLDAHHKTYDPTYSDFCQFRPPVRVNDGGGSVTLELSQLSMLPHLADLVSYSIQKVIGF
AKMIPGFRDLTSEDQIVLLKSSAIEVIMLRSNESFTMDDMSWTCGNQDYKYRVSDVTKAGHSLELIEPLIKFQVGLKKLN
LHEEEHVLLMAICIVSPDRPGVQDAALIEAIQDRLSNTLQTYIRCRHPPPGSHLLYAKMIQKLADLRSLNEEHSKQYRCL
SFQPECSMKLTPLVLEVFGNEIS
;
_entity_poly.pdbx_strand_id   A
#
loop_
_chem_comp.id
_chem_comp.type
_chem_comp.name
_chem_comp.formula
TEY non-polymer (1R,2S,3S,5Z)-5-[(2E)-2-[(1R,3aS,7aR)-7a-methyl-1-[(2R)-6-methyl-6-oxidanyl-heptan-2-yl]-2,3,3a,5,6,7-hexahydro-1H-inden-4-ylidene]ethylidene]-4-methylidene-2-[2-(1,2,3,4-tetrazol-2-yl)ethyl]cyclohexane-1,3-diol 'C30 H48 N4 O3'
#
# COMPACT_ATOMS: atom_id res chain seq x y z
N ASP A 5 -24.09 7.58 24.95
CA ASP A 5 -24.91 7.44 23.70
C ASP A 5 -24.60 6.11 22.98
N SER A 6 -23.33 5.89 22.60
CA SER A 6 -22.94 4.72 21.81
C SER A 6 -23.87 4.46 20.63
N LEU A 7 -24.22 5.52 19.90
CA LEU A 7 -25.13 5.42 18.77
C LEU A 7 -24.52 4.62 17.63
N ARG A 8 -25.36 3.77 17.02
CA ARG A 8 -24.94 2.91 15.93
C ARG A 8 -25.85 3.04 14.70
N PRO A 9 -25.77 4.18 13.99
CA PRO A 9 -26.60 4.35 12.78
C PRO A 9 -26.37 3.27 11.72
N LYS A 10 -27.44 2.93 10.99
CA LYS A 10 -27.33 2.00 9.87
C LYS A 10 -26.59 2.71 8.76
N LEU A 11 -25.81 1.92 8.00
CA LEU A 11 -25.20 2.41 6.78
C LEU A 11 -26.27 2.93 5.81
N SER A 12 -26.06 4.14 5.31
CA SER A 12 -26.93 4.68 4.29
C SER A 12 -26.89 3.83 3.00
N GLU A 13 -27.73 4.18 2.04
CA GLU A 13 -27.75 3.54 0.73
C GLU A 13 -26.46 3.93 -0.01
N GLU A 14 -26.08 5.19 0.12
CA GLU A 14 -24.83 5.67 -0.46
C GLU A 14 -23.59 4.94 0.12
N GLN A 15 -23.59 4.70 1.43
CA GLN A 15 -22.45 4.09 2.08
C GLN A 15 -22.32 2.63 1.66
N GLN A 16 -23.43 1.91 1.67
CA GLN A 16 -23.50 0.57 1.09
C GLN A 16 -22.97 0.52 -0.35
N ARG A 17 -23.33 1.52 -1.16
CA ARG A 17 -22.82 1.60 -2.55
C ARG A 17 -21.33 1.84 -2.57
N ILE A 18 -20.82 2.71 -1.68
CA ILE A 18 -19.39 3.01 -1.63
C ILE A 18 -18.59 1.74 -1.29
N ILE A 19 -19.04 0.98 -0.31
CA ILE A 19 -18.43 -0.28 0.08
C ILE A 19 -18.43 -1.29 -1.08
N ALA A 20 -19.60 -1.55 -1.67
CA ALA A 20 -19.71 -2.48 -2.78
C ALA A 20 -18.78 -2.08 -3.95
N ILE A 21 -18.76 -0.79 -4.30
CA ILE A 21 -17.86 -0.32 -5.33
C ILE A 21 -16.41 -0.62 -4.95
N LEU A 22 -16.04 -0.33 -3.70
CA LEU A 22 -14.66 -0.53 -3.26
C LEU A 22 -14.26 -2.01 -3.21
N LEU A 23 -15.11 -2.87 -2.65
CA LEU A 23 -14.90 -4.32 -2.70
C LEU A 23 -14.63 -4.79 -4.11
N ASP A 24 -15.53 -4.40 -5.02
CA ASP A 24 -15.45 -4.75 -6.43
C ASP A 24 -14.18 -4.19 -7.11
N ALA A 25 -13.83 -2.93 -6.83
CA ALA A 25 -12.59 -2.35 -7.35
C ALA A 25 -11.37 -3.18 -6.90
N HIS A 26 -11.37 -3.56 -5.63
CA HIS A 26 -10.29 -4.36 -5.08
C HIS A 26 -10.20 -5.74 -5.67
N HIS A 27 -11.34 -6.41 -5.86
CA HIS A 27 -11.36 -7.74 -6.50
C HIS A 27 -10.88 -7.75 -7.94
N LYS A 28 -10.90 -6.59 -8.60
CA LYS A 28 -10.57 -6.47 -10.02
C LYS A 28 -9.14 -6.04 -10.19
N THR A 29 -8.56 -5.51 -9.12
CA THR A 29 -7.18 -4.98 -9.17
C THR A 29 -6.24 -5.79 -8.28
N TYR A 30 -6.77 -6.79 -7.56
CA TYR A 30 -5.92 -7.64 -6.74
C TYR A 30 -6.13 -9.11 -7.02
N ASP A 31 -5.16 -9.72 -7.68
CA ASP A 31 -5.16 -11.14 -7.98
C ASP A 31 -4.60 -11.97 -6.78
N PRO A 32 -5.49 -12.67 -6.02
CA PRO A 32 -5.04 -13.39 -4.81
C PRO A 32 -4.34 -14.71 -5.15
N THR A 33 -4.28 -15.03 -6.44
CA THR A 33 -3.54 -16.20 -6.92
C THR A 33 -2.11 -15.84 -7.38
N TYR A 34 -1.85 -14.55 -7.64
CA TYR A 34 -0.48 -14.11 -8.05
C TYR A 34 -0.03 -14.72 -9.37
N SER A 35 -0.96 -14.88 -10.30
CA SER A 35 -0.71 -15.62 -11.55
C SER A 35 0.12 -14.86 -12.58
N ASP A 36 0.27 -13.54 -12.41
CA ASP A 36 1.05 -12.71 -13.31
C ASP A 36 2.55 -12.73 -12.98
N PHE A 37 2.92 -13.24 -11.80
CA PHE A 37 4.31 -13.13 -11.31
C PHE A 37 5.38 -13.77 -12.25
N CYS A 38 4.99 -14.79 -13.01
CA CYS A 38 5.88 -15.44 -13.98
C CYS A 38 6.31 -14.47 -15.08
N GLN A 39 5.52 -13.43 -15.29
CA GLN A 39 5.85 -12.39 -16.25
C GLN A 39 6.93 -11.40 -15.76
N PHE A 40 7.13 -11.29 -14.44
CA PHE A 40 8.15 -10.38 -13.93
C PHE A 40 9.58 -10.91 -14.23
N ARG A 41 10.55 -10.01 -14.25
CA ARG A 41 11.93 -10.47 -14.39
C ARG A 41 12.19 -11.43 -13.22
N PRO A 42 12.96 -12.49 -13.48
CA PRO A 42 13.00 -13.54 -12.43
C PRO A 42 13.65 -13.09 -11.12
N PRO A 43 13.22 -13.68 -9.99
CA PRO A 43 13.94 -13.39 -8.75
C PRO A 43 15.35 -13.99 -8.82
N VAL A 44 16.34 -13.27 -8.31
CA VAL A 44 17.70 -13.78 -8.24
C VAL A 44 18.22 -13.53 -6.83
N ARG A 45 18.65 -14.60 -6.17
CA ARG A 45 19.08 -14.57 -4.81
C ARG A 45 20.56 -14.96 -4.74
N VAL A 46 21.45 -13.96 -4.82
CA VAL A 46 22.89 -14.21 -4.65
C VAL A 46 23.18 -14.45 -3.17
N ASN A 47 24.19 -15.25 -2.86
CA ASN A 47 24.39 -15.59 -1.45
C ASN A 47 25.04 -14.46 -0.66
N ASP A 48 24.37 -14.09 0.42
CA ASP A 48 25.00 -13.29 1.47
C ASP A 48 24.23 -13.23 2.80
N GLY A 49 24.73 -13.95 3.79
CA GLY A 49 24.16 -13.93 5.15
C GLY A 49 24.68 -12.77 5.98
N SER A 52 25.61 -7.79 3.59
CA SER A 52 26.70 -6.95 3.10
C SER A 52 26.23 -5.87 2.10
N VAL A 53 26.25 -4.63 2.56
CA VAL A 53 25.75 -3.51 1.78
C VAL A 53 26.47 -3.42 0.43
N THR A 54 27.79 -3.60 0.45
CA THR A 54 28.66 -3.52 -0.72
C THR A 54 28.26 -4.51 -1.82
N LEU A 55 28.07 -5.78 -1.45
CA LEU A 55 27.63 -6.83 -2.36
C LEU A 55 26.22 -6.58 -2.88
N GLU A 56 25.31 -6.25 -1.96
CA GLU A 56 23.92 -5.95 -2.30
C GLU A 56 23.83 -4.84 -3.32
N LEU A 57 24.57 -3.75 -3.10
CA LEU A 57 24.58 -2.65 -4.07
C LEU A 57 25.28 -3.02 -5.40
N SER A 58 26.36 -3.78 -5.32
CA SER A 58 27.06 -4.31 -6.48
C SER A 58 26.18 -5.23 -7.37
N GLN A 59 25.44 -6.14 -6.76
CA GLN A 59 24.57 -7.07 -7.50
C GLN A 59 23.14 -6.56 -7.80
N LEU A 60 22.49 -5.94 -6.79
CA LEU A 60 21.06 -5.64 -6.82
C LEU A 60 20.24 -6.78 -7.45
N SER A 61 20.59 -8.01 -7.08
CA SER A 61 20.05 -9.24 -7.69
C SER A 61 18.53 -9.36 -7.61
N MET A 62 17.93 -8.83 -6.52
CA MET A 62 16.47 -8.81 -6.39
C MET A 62 15.78 -7.55 -6.89
N LEU A 63 16.55 -6.54 -7.31
CA LEU A 63 15.90 -5.30 -7.72
C LEU A 63 15.04 -5.40 -8.98
N PRO A 64 15.49 -6.13 -10.03
CA PRO A 64 14.58 -6.19 -11.20
C PRO A 64 13.22 -6.87 -10.88
N HIS A 65 13.26 -7.99 -10.16
CA HIS A 65 12.03 -8.69 -9.84
C HIS A 65 11.08 -7.84 -8.97
N LEU A 66 11.61 -7.30 -7.88
CA LEU A 66 10.80 -6.44 -6.99
C LEU A 66 10.43 -5.10 -7.60
N ALA A 67 11.30 -4.51 -8.41
CA ALA A 67 10.94 -3.30 -9.16
C ALA A 67 9.73 -3.57 -10.08
N ASP A 68 9.71 -4.75 -10.74
CA ASP A 68 8.57 -5.12 -11.60
C ASP A 68 7.31 -5.39 -10.79
N LEU A 69 7.50 -6.05 -9.65
CA LEU A 69 6.45 -6.28 -8.65
C LEU A 69 5.76 -5.00 -8.22
N VAL A 70 6.58 -4.00 -7.90
CA VAL A 70 6.09 -2.74 -7.37
C VAL A 70 5.43 -1.94 -8.49
N SER A 71 6.09 -1.89 -9.63
CA SER A 71 5.57 -1.25 -10.84
C SER A 71 4.19 -1.78 -11.20
N TYR A 72 4.08 -3.11 -11.28
CA TYR A 72 2.80 -3.77 -11.57
C TYR A 72 1.77 -3.38 -10.51
N SER A 73 2.22 -3.29 -9.26
CA SER A 73 1.37 -2.89 -8.17
C SER A 73 0.92 -1.43 -8.32
N ILE A 74 1.84 -0.55 -8.72
CA ILE A 74 1.44 0.87 -8.98
C ILE A 74 0.34 0.92 -10.04
N GLN A 75 0.45 0.08 -11.06
CA GLN A 75 -0.53 0.05 -12.12
C GLN A 75 -1.91 -0.32 -11.56
N LYS A 76 -1.92 -1.30 -10.64
CA LYS A 76 -3.11 -1.80 -9.98
C LYS A 76 -3.75 -0.77 -9.06
N VAL A 77 -2.90 -0.14 -8.22
CA VAL A 77 -3.30 0.98 -7.35
C VAL A 77 -3.98 2.11 -8.17
N ILE A 78 -3.40 2.49 -9.30
CA ILE A 78 -3.98 3.51 -10.20
C ILE A 78 -5.41 3.10 -10.63
N GLY A 79 -5.52 1.89 -11.14
CA GLY A 79 -6.80 1.29 -11.41
C GLY A 79 -7.73 1.36 -10.21
N PHE A 80 -7.21 1.01 -9.03
CA PHE A 80 -8.01 1.01 -7.81
C PHE A 80 -8.50 2.41 -7.51
N ALA A 81 -7.56 3.35 -7.45
CA ALA A 81 -7.84 4.77 -7.21
C ALA A 81 -8.96 5.37 -8.09
N LYS A 82 -8.92 5.08 -9.39
CA LYS A 82 -9.91 5.56 -10.38
C LYS A 82 -11.34 5.12 -10.08
N MET A 83 -11.49 3.97 -9.41
CA MET A 83 -12.83 3.44 -9.15
C MET A 83 -13.36 3.86 -7.77
N ILE A 84 -12.62 4.72 -7.07
CA ILE A 84 -13.08 5.29 -5.79
C ILE A 84 -14.13 6.34 -6.10
N PRO A 85 -15.36 6.19 -5.54
CA PRO A 85 -16.36 7.24 -5.75
C PRO A 85 -15.76 8.62 -5.42
N GLY A 86 -15.98 9.60 -6.30
CA GLY A 86 -15.45 10.94 -6.09
C GLY A 86 -14.08 11.23 -6.70
N PHE A 87 -13.24 10.20 -6.84
CA PHE A 87 -11.87 10.40 -7.31
C PHE A 87 -11.85 11.07 -8.69
N ARG A 88 -12.74 10.65 -9.56
CA ARG A 88 -12.81 11.21 -10.91
C ARG A 88 -13.46 12.60 -10.98
N ASP A 89 -14.05 13.07 -9.87
CA ASP A 89 -14.48 14.48 -9.74
C ASP A 89 -13.29 15.43 -9.57
N LEU A 90 -12.13 14.90 -9.22
CA LEU A 90 -10.93 15.71 -9.07
C LEU A 90 -10.30 16.02 -10.39
N THR A 91 -9.60 17.15 -10.47
CA THR A 91 -8.77 17.50 -11.63
C THR A 91 -7.75 16.39 -11.76
N SER A 92 -7.37 16.07 -13.00
CA SER A 92 -6.34 15.06 -13.22
C SER A 92 -4.98 15.44 -12.58
N GLU A 93 -4.73 16.74 -12.43
CA GLU A 93 -3.55 17.23 -11.72
C GLU A 93 -3.51 16.72 -10.26
N ASP A 94 -4.63 16.87 -9.55
CA ASP A 94 -4.74 16.39 -8.17
C ASP A 94 -4.77 14.86 -8.07
N GLN A 95 -5.34 14.20 -9.07
CA GLN A 95 -5.33 12.74 -9.09
C GLN A 95 -3.91 12.20 -9.07
N ILE A 96 -3.06 12.81 -9.91
CA ILE A 96 -1.65 12.41 -10.06
C ILE A 96 -0.82 12.72 -8.81
N VAL A 97 -1.00 13.91 -8.24
CA VAL A 97 -0.35 14.25 -6.98
C VAL A 97 -0.65 13.19 -5.92
N LEU A 98 -1.94 12.85 -5.78
CA LEU A 98 -2.39 11.89 -4.78
C LEU A 98 -1.88 10.47 -5.04
N LEU A 99 -1.95 10.04 -6.30
CA LEU A 99 -1.40 8.77 -6.72
C LEU A 99 0.10 8.66 -6.44
N LYS A 100 0.88 9.64 -6.88
CA LYS A 100 2.32 9.59 -6.71
C LYS A 100 2.77 9.56 -5.25
N SER A 101 2.19 10.39 -4.41
CA SER A 101 2.59 10.44 -3.00
C SER A 101 2.03 9.29 -2.16
N SER A 102 0.94 8.66 -2.60
CA SER A 102 0.39 7.52 -1.84
C SER A 102 0.78 6.11 -2.32
N ALA A 103 1.24 5.99 -3.56
CA ALA A 103 1.59 4.67 -4.13
C ALA A 103 2.38 3.72 -3.22
N ILE A 104 3.48 4.19 -2.65
CA ILE A 104 4.23 3.32 -1.75
C ILE A 104 3.42 2.92 -0.50
N GLU A 105 2.61 3.83 0.03
CA GLU A 105 1.80 3.52 1.20
C GLU A 105 0.71 2.49 0.89
N VAL A 106 0.07 2.58 -0.28
CA VAL A 106 -1.01 1.67 -0.63
C VAL A 106 -0.42 0.30 -0.89
N ILE A 107 0.76 0.30 -1.51
CA ILE A 107 1.53 -0.92 -1.75
C ILE A 107 1.77 -1.64 -0.43
N MET A 108 2.21 -0.88 0.57
CA MET A 108 2.47 -1.44 1.90
C MET A 108 1.18 -1.96 2.54
N LEU A 109 0.13 -1.16 2.46
CA LEU A 109 -1.21 -1.60 2.84
C LEU A 109 -1.64 -2.90 2.14
N ARG A 110 -1.66 -2.88 0.80
CA ARG A 110 -2.30 -3.97 0.03
C ARG A 110 -1.50 -5.25 0.18
N SER A 111 -0.18 -5.09 0.36
CA SER A 111 0.74 -6.23 0.53
C SER A 111 0.44 -7.05 1.79
N ASN A 112 -0.32 -6.49 2.72
CA ASN A 112 -0.73 -7.21 3.92
C ASN A 112 -1.57 -8.45 3.59
N GLU A 113 -2.22 -8.45 2.43
CA GLU A 113 -2.96 -9.62 1.97
C GLU A 113 -2.02 -10.81 1.68
N SER A 114 -0.79 -10.55 1.24
CA SER A 114 0.20 -11.64 1.07
C SER A 114 1.06 -11.89 2.29
N PHE A 115 1.14 -10.93 3.19
CA PHE A 115 1.94 -11.12 4.38
C PHE A 115 1.36 -12.24 5.24
N THR A 116 2.23 -13.07 5.78
CA THR A 116 1.79 -14.10 6.70
C THR A 116 2.67 -14.09 7.93
N MET A 117 2.04 -14.30 9.08
CA MET A 117 2.76 -14.40 10.33
C MET A 117 3.32 -15.76 10.60
N ASP A 118 2.95 -16.76 9.79
CA ASP A 118 3.59 -18.06 9.84
C ASP A 118 5.12 -17.93 9.93
N ASP A 119 5.73 -17.13 9.07
CA ASP A 119 7.19 -16.96 9.02
C ASP A 119 7.63 -15.52 8.78
N MET A 120 6.71 -14.57 8.93
CA MET A 120 7.03 -13.17 8.68
C MET A 120 7.55 -12.91 7.25
N SER A 121 6.82 -13.44 6.28
CA SER A 121 7.12 -13.21 4.89
C SER A 121 5.87 -12.78 4.10
N TRP A 122 6.10 -12.28 2.90
CA TRP A 122 5.05 -12.05 1.93
C TRP A 122 5.06 -13.24 1.00
N THR A 123 4.05 -14.08 1.12
CA THR A 123 3.99 -15.31 0.32
C THR A 123 3.02 -15.17 -0.83
N CYS A 124 3.57 -15.07 -2.04
CA CYS A 124 2.78 -14.97 -3.25
C CYS A 124 2.92 -16.25 -4.05
N GLY A 125 3.01 -17.35 -3.32
CA GLY A 125 3.86 -18.50 -3.69
C GLY A 125 3.25 -19.61 -4.52
N ASN A 126 4.05 -20.57 -4.99
CA ASN A 126 5.35 -21.08 -4.40
C ASN A 126 6.42 -20.23 -3.69
N GLN A 127 7.59 -20.85 -3.54
CA GLN A 127 8.75 -20.34 -2.80
C GLN A 127 9.64 -19.38 -3.57
N ASP A 128 9.60 -19.42 -4.91
CA ASP A 128 10.31 -18.40 -5.70
C ASP A 128 9.73 -17.03 -5.37
N TYR A 129 8.41 -17.00 -5.17
CA TYR A 129 7.65 -15.77 -4.98
C TYR A 129 7.30 -15.49 -3.51
N LYS A 130 8.19 -15.95 -2.63
CA LYS A 130 8.12 -15.64 -1.23
C LYS A 130 9.19 -14.58 -0.96
N TYR A 131 8.81 -13.51 -0.26
CA TYR A 131 9.74 -12.43 0.01
C TYR A 131 9.94 -12.20 1.50
N ARG A 132 11.22 -12.17 1.90
CA ARG A 132 11.62 -12.03 3.27
C ARG A 132 12.55 -10.82 3.44
N VAL A 133 12.87 -10.46 4.68
CA VAL A 133 13.82 -9.37 5.01
C VAL A 133 15.03 -9.34 4.05
N SER A 134 15.61 -10.52 3.85
CA SER A 134 16.87 -10.63 3.17
C SER A 134 16.69 -10.41 1.68
N ASP A 135 15.51 -10.75 1.14
CA ASP A 135 15.20 -10.54 -0.27
C ASP A 135 15.11 -9.07 -0.56
N VAL A 136 14.66 -8.30 0.43
CA VAL A 136 14.46 -6.85 0.27
C VAL A 136 15.81 -6.16 0.45
N THR A 137 16.71 -6.74 1.21
CA THR A 137 18.07 -6.17 1.30
C THR A 137 18.84 -6.47 0.01
N LYS A 138 18.60 -7.64 -0.58
CA LYS A 138 19.14 -7.95 -1.90
C LYS A 138 18.64 -7.00 -2.99
N ALA A 139 17.57 -6.25 -2.73
CA ALA A 139 17.14 -5.18 -3.65
C ALA A 139 17.70 -3.81 -3.33
N GLY A 140 18.65 -3.75 -2.37
CA GLY A 140 19.33 -2.49 -2.06
C GLY A 140 18.74 -1.60 -0.97
N HIS A 141 17.74 -2.10 -0.23
CA HIS A 141 17.23 -1.38 0.95
C HIS A 141 17.85 -1.93 2.23
N SER A 142 17.73 -1.16 3.30
CA SER A 142 18.37 -1.52 4.54
C SER A 142 17.33 -1.76 5.65
N LEU A 143 17.81 -2.26 6.79
CA LEU A 143 16.96 -2.65 7.92
C LEU A 143 16.15 -1.50 8.53
N GLU A 144 16.69 -0.27 8.49
CA GLU A 144 15.96 0.92 8.95
C GLU A 144 14.58 1.08 8.28
N LEU A 145 14.42 0.62 7.03
CA LEU A 145 13.08 0.58 6.45
C LEU A 145 12.38 -0.77 6.66
N ILE A 146 13.10 -1.85 6.39
CA ILE A 146 12.51 -3.20 6.32
C ILE A 146 11.95 -3.67 7.67
N GLU A 147 12.67 -3.37 8.74
CA GLU A 147 12.22 -3.90 10.02
C GLU A 147 10.97 -3.22 10.52
N PRO A 148 10.91 -1.88 10.44
CA PRO A 148 9.63 -1.23 10.78
C PRO A 148 8.49 -1.62 9.85
N LEU A 149 8.81 -1.90 8.58
CA LEU A 149 7.83 -2.40 7.63
C LEU A 149 7.24 -3.73 8.10
N ILE A 150 8.07 -4.69 8.49
CA ILE A 150 7.58 -5.97 9.09
C ILE A 150 6.71 -5.68 10.34
N LYS A 151 7.22 -4.85 11.26
CA LYS A 151 6.42 -4.44 12.42
C LYS A 151 5.05 -3.91 11.99
N PHE A 152 5.05 -3.00 11.03
CA PHE A 152 3.81 -2.41 10.59
C PHE A 152 2.88 -3.48 10.02
N GLN A 153 3.42 -4.46 9.29
CA GLN A 153 2.60 -5.52 8.69
C GLN A 153 1.86 -6.32 9.76
N VAL A 154 2.62 -6.72 10.80
CA VAL A 154 2.13 -7.49 11.94
C VAL A 154 1.03 -6.75 12.70
N GLY A 155 1.35 -5.50 13.11
CA GLY A 155 0.39 -4.63 13.77
C GLY A 155 -0.86 -4.55 12.93
N LEU A 156 -0.70 -4.60 11.61
CA LEU A 156 -1.83 -4.50 10.71
C LEU A 156 -2.63 -5.80 10.60
N LYS A 157 -1.96 -6.95 10.55
CA LYS A 157 -2.67 -8.25 10.65
C LYS A 157 -3.49 -8.37 11.92
N LYS A 158 -2.97 -7.83 13.02
CA LYS A 158 -3.64 -8.02 14.32
C LYS A 158 -4.87 -7.14 14.55
N LEU A 159 -5.13 -6.23 13.61
CA LEU A 159 -6.42 -5.57 13.51
C LEU A 159 -7.52 -6.46 12.91
N ASN A 160 -7.17 -7.59 12.26
CA ASN A 160 -8.18 -8.53 11.72
C ASN A 160 -9.27 -7.75 10.96
N LEU A 161 -8.83 -6.84 10.10
CA LEU A 161 -9.72 -6.01 9.29
C LEU A 161 -10.64 -6.89 8.45
N HIS A 162 -11.92 -6.54 8.41
CA HIS A 162 -12.83 -7.03 7.35
C HIS A 162 -12.31 -6.46 6.02
N GLU A 163 -12.56 -7.17 4.93
CA GLU A 163 -12.08 -6.64 3.63
C GLU A 163 -12.62 -5.23 3.36
N GLU A 164 -13.85 -5.01 3.81
CA GLU A 164 -14.52 -3.71 3.74
C GLU A 164 -13.66 -2.60 4.41
N GLU A 165 -13.07 -2.91 5.56
CA GLU A 165 -12.29 -1.95 6.29
C GLU A 165 -10.94 -1.76 5.59
N HIS A 166 -10.39 -2.88 5.14
CA HIS A 166 -9.15 -2.89 4.36
C HIS A 166 -9.24 -2.00 3.09
N VAL A 167 -10.25 -2.23 2.25
CA VAL A 167 -10.39 -1.40 1.03
C VAL A 167 -10.69 0.09 1.32
N LEU A 168 -11.50 0.33 2.35
CA LEU A 168 -11.79 1.70 2.83
C LEU A 168 -10.52 2.43 3.28
N LEU A 169 -9.65 1.72 4.02
CA LEU A 169 -8.38 2.28 4.48
C LEU A 169 -7.48 2.73 3.32
N MET A 170 -7.27 1.86 2.33
CA MET A 170 -6.53 2.25 1.12
C MET A 170 -7.17 3.44 0.41
N ALA A 171 -8.50 3.42 0.27
CA ALA A 171 -9.22 4.56 -0.28
C ALA A 171 -8.91 5.82 0.52
N ILE A 172 -9.13 5.77 1.83
CA ILE A 172 -8.81 6.94 2.68
C ILE A 172 -7.34 7.39 2.49
N CYS A 173 -6.40 6.45 2.50
CA CYS A 173 -4.98 6.74 2.24
C CYS A 173 -4.74 7.53 0.95
N ILE A 174 -5.38 7.15 -0.16
CA ILE A 174 -5.16 7.81 -1.44
C ILE A 174 -5.72 9.24 -1.49
N VAL A 175 -6.90 9.42 -0.89
CA VAL A 175 -7.64 10.68 -0.96
C VAL A 175 -7.34 11.51 0.31
N SER A 176 -6.08 11.92 0.49
CA SER A 176 -5.64 12.66 1.70
C SER A 176 -5.45 14.10 1.33
N PRO A 177 -6.17 15.02 2.01
CA PRO A 177 -6.14 16.42 1.61
C PRO A 177 -4.78 17.12 1.83
N ASP A 178 -3.96 16.58 2.72
CA ASP A 178 -2.76 17.29 3.13
C ASP A 178 -1.47 16.81 2.46
N ARG A 179 -1.58 16.13 1.33
CA ARG A 179 -0.40 15.79 0.54
C ARG A 179 0.22 17.04 -0.06
N PRO A 180 1.55 17.17 -0.01
CA PRO A 180 2.21 18.34 -0.62
C PRO A 180 1.89 18.48 -2.11
N GLY A 181 1.50 19.68 -2.52
CA GLY A 181 1.23 19.99 -3.93
C GLY A 181 -0.20 19.78 -4.38
N VAL A 182 -1.12 19.51 -3.45
CA VAL A 182 -2.54 19.38 -3.81
C VAL A 182 -3.18 20.75 -3.99
N GLN A 183 -4.04 20.85 -4.98
CA GLN A 183 -4.57 22.13 -5.35
C GLN A 183 -5.95 22.37 -4.76
N ASP A 184 -6.82 21.36 -4.77
CA ASP A 184 -8.13 21.55 -4.16
C ASP A 184 -8.28 20.63 -2.95
N ALA A 185 -7.56 20.98 -1.89
CA ALA A 185 -7.62 20.31 -0.59
C ALA A 185 -9.04 20.14 -0.05
N ALA A 186 -9.91 21.12 -0.33
CA ALA A 186 -11.29 21.09 0.20
C ALA A 186 -12.08 19.94 -0.41
N LEU A 187 -12.01 19.82 -1.74
CA LEU A 187 -12.71 18.74 -2.46
C LEU A 187 -12.21 17.38 -1.95
N ILE A 188 -10.89 17.22 -1.96
CA ILE A 188 -10.25 15.98 -1.54
C ILE A 188 -10.74 15.62 -0.14
N GLU A 189 -10.72 16.60 0.76
CA GLU A 189 -11.15 16.41 2.13
C GLU A 189 -12.61 16.00 2.21
N ALA A 190 -13.46 16.56 1.35
CA ALA A 190 -14.87 16.18 1.31
C ALA A 190 -15.04 14.69 0.96
N ILE A 191 -14.34 14.23 -0.07
CA ILE A 191 -14.38 12.84 -0.46
C ILE A 191 -13.83 11.95 0.65
N GLN A 192 -12.66 12.31 1.19
CA GLN A 192 -12.12 11.57 2.33
C GLN A 192 -13.13 11.44 3.46
N ASP A 193 -13.72 12.57 3.88
CA ASP A 193 -14.69 12.55 4.98
C ASP A 193 -15.84 11.60 4.72
N ARG A 194 -16.26 11.50 3.47
CA ARG A 194 -17.30 10.56 3.09
C ARG A 194 -16.80 9.12 3.29
N LEU A 195 -15.54 8.89 2.91
CA LEU A 195 -14.94 7.57 3.10
C LEU A 195 -14.75 7.24 4.59
N SER A 196 -14.21 8.19 5.38
CA SER A 196 -14.02 8.00 6.84
C SER A 196 -15.32 7.78 7.58
N ASN A 197 -16.31 8.60 7.22
CA ASN A 197 -17.66 8.48 7.75
C ASN A 197 -18.28 7.13 7.46
N THR A 198 -18.08 6.62 6.25
CA THR A 198 -18.48 5.25 5.91
C THR A 198 -17.75 4.24 6.77
N LEU A 199 -16.44 4.39 6.89
CA LEU A 199 -15.66 3.48 7.71
C LEU A 199 -16.11 3.50 9.19
N GLN A 200 -16.22 4.71 9.75
CA GLN A 200 -16.68 4.89 11.13
C GLN A 200 -18.05 4.23 11.36
N THR A 201 -18.98 4.48 10.43
CA THR A 201 -20.32 3.84 10.45
C THR A 201 -20.23 2.32 10.33
N TYR A 202 -19.43 1.84 9.38
CA TYR A 202 -19.32 0.41 9.16
C TYR A 202 -18.84 -0.32 10.44
N ILE A 203 -17.76 0.18 11.05
CA ILE A 203 -17.17 -0.39 12.26
C ILE A 203 -18.17 -0.52 13.41
N ARG A 204 -18.94 0.56 13.66
CA ARG A 204 -19.99 0.57 14.69
C ARG A 204 -21.12 -0.43 14.47
N CYS A 205 -21.46 -0.69 13.21
CA CYS A 205 -22.56 -1.61 12.80
C CYS A 205 -22.19 -3.04 12.81
N ARG A 206 -21.03 -3.34 12.22
CA ARG A 206 -20.70 -4.66 11.69
C ARG A 206 -19.55 -5.33 12.40
N HIS A 207 -18.84 -4.60 13.24
CA HIS A 207 -17.66 -5.18 13.85
C HIS A 207 -17.95 -5.58 15.28
N PRO A 208 -17.90 -6.89 15.57
CA PRO A 208 -18.10 -7.40 16.96
C PRO A 208 -16.94 -6.99 17.90
N PRO A 209 -17.24 -6.61 19.17
CA PRO A 209 -18.55 -6.54 19.91
C PRO A 209 -19.56 -5.34 19.69
N PRO A 210 -19.25 -4.06 20.08
CA PRO A 210 -18.15 -3.37 20.80
C PRO A 210 -18.30 -3.19 22.33
N GLY A 211 -17.21 -3.48 23.06
CA GLY A 211 -17.05 -3.01 24.42
C GLY A 211 -16.46 -1.60 24.39
N SER A 212 -16.02 -1.20 23.20
CA SER A 212 -15.53 0.17 22.89
C SER A 212 -15.16 0.29 21.40
N HIS A 213 -15.14 1.53 20.91
CA HIS A 213 -14.75 1.79 19.52
C HIS A 213 -13.33 2.38 19.42
N LEU A 214 -12.33 1.49 19.48
CA LEU A 214 -10.91 1.85 19.40
C LEU A 214 -10.33 1.55 18.01
N LEU A 215 -11.00 0.69 17.26
CA LEU A 215 -10.50 0.21 15.97
C LEU A 215 -10.29 1.33 14.93
N TYR A 216 -11.21 2.29 14.91
CA TYR A 216 -11.04 3.45 14.05
C TYR A 216 -9.74 4.21 14.35
N ALA A 217 -9.51 4.55 15.61
CA ALA A 217 -8.29 5.24 16.02
C ALA A 217 -7.04 4.44 15.60
N LYS A 218 -7.08 3.14 15.83
CA LYS A 218 -6.00 2.24 15.45
C LYS A 218 -5.71 2.25 13.95
N MET A 219 -6.77 2.42 13.15
CA MET A 219 -6.67 2.46 11.70
C MET A 219 -6.06 3.78 11.19
N ILE A 220 -6.47 4.89 11.79
CA ILE A 220 -5.87 6.20 11.52
C ILE A 220 -4.39 6.25 11.98
N GLN A 221 -4.06 5.57 13.07
CA GLN A 221 -2.64 5.50 13.49
C GLN A 221 -1.78 4.84 12.41
N LYS A 222 -2.31 3.82 11.75
CA LYS A 222 -1.60 3.15 10.66
C LYS A 222 -1.28 4.10 9.49
N LEU A 223 -2.20 5.05 9.22
CA LEU A 223 -2.00 6.08 8.21
C LEU A 223 -0.85 7.01 8.54
N ALA A 224 -0.67 7.28 9.83
CA ALA A 224 0.45 8.08 10.28
C ALA A 224 1.77 7.25 10.22
N ASP A 225 1.76 5.99 10.70
CA ASP A 225 2.95 5.11 10.53
C ASP A 225 3.43 5.12 9.07
N LEU A 226 2.48 4.99 8.13
CA LEU A 226 2.73 4.98 6.69
C LEU A 226 3.50 6.22 6.16
N ARG A 227 3.22 7.41 6.74
CA ARG A 227 3.93 8.64 6.35
C ARG A 227 5.43 8.47 6.63
N SER A 228 5.75 7.91 7.81
CA SER A 228 7.13 7.64 8.18
C SER A 228 7.74 6.64 7.27
N LEU A 229 7.02 5.55 7.01
CA LEU A 229 7.54 4.51 6.12
C LEU A 229 7.81 5.08 4.73
N ASN A 230 6.89 5.88 4.22
CA ASN A 230 7.03 6.62 2.96
C ASN A 230 8.29 7.49 2.93
N GLU A 231 8.47 8.26 3.99
CA GLU A 231 9.59 9.17 4.15
C GLU A 231 10.92 8.41 4.07
N GLU A 232 10.97 7.29 4.81
CA GLU A 232 12.16 6.43 4.90
C GLU A 232 12.45 5.70 3.59
N HIS A 233 11.43 5.15 2.96
CA HIS A 233 11.58 4.57 1.63
C HIS A 233 12.19 5.61 0.65
N SER A 234 11.60 6.81 0.63
CA SER A 234 12.05 7.90 -0.20
C SER A 234 13.53 8.22 -0.03
N LYS A 235 13.99 8.27 1.23
CA LYS A 235 15.41 8.42 1.53
C LYS A 235 16.20 7.32 0.85
N GLN A 236 15.74 6.08 1.05
CA GLN A 236 16.48 4.90 0.59
C GLN A 236 16.42 4.69 -0.91
N TYR A 237 15.30 5.08 -1.52
CA TYR A 237 15.19 5.03 -2.98
C TYR A 237 16.21 5.97 -3.66
N ARG A 238 16.35 7.17 -3.09
CA ARG A 238 17.33 8.19 -3.52
C ARG A 238 18.74 7.60 -3.54
N CYS A 239 19.10 6.90 -2.46
CA CYS A 239 20.37 6.14 -2.39
C CYS A 239 20.51 5.06 -3.43
N LEU A 240 19.51 4.20 -3.53
CA LEU A 240 19.43 3.26 -4.62
C LEU A 240 19.79 3.91 -5.96
N SER A 241 19.10 4.99 -6.30
CA SER A 241 19.30 5.64 -7.59
C SER A 241 20.72 6.23 -7.81
N PHE A 242 21.49 6.38 -6.75
CA PHE A 242 22.91 6.74 -6.89
C PHE A 242 23.77 5.60 -7.48
N GLN A 243 23.28 4.37 -7.40
CA GLN A 243 23.98 3.21 -7.97
C GLN A 243 23.96 3.26 -9.49
N PRO A 244 25.15 3.29 -10.13
CA PRO A 244 25.19 3.27 -11.61
C PRO A 244 24.50 2.03 -12.20
N GLU A 245 23.81 2.21 -13.33
CA GLU A 245 23.07 1.15 -14.06
C GLU A 245 21.81 0.70 -13.33
N CYS A 246 21.41 1.47 -12.33
CA CYS A 246 20.28 1.15 -11.48
C CYS A 246 18.96 1.30 -12.21
N SER A 247 18.85 2.31 -13.07
CA SER A 247 17.62 2.66 -13.78
C SER A 247 17.10 1.54 -14.65
N MET A 248 18.00 0.83 -15.31
CA MET A 248 17.61 -0.30 -16.16
C MET A 248 17.00 -1.42 -15.33
N LYS A 249 17.33 -1.47 -14.05
CA LYS A 249 16.80 -2.48 -13.14
C LYS A 249 15.44 -2.07 -12.58
N LEU A 250 15.03 -0.84 -12.87
CA LEU A 250 13.72 -0.34 -12.43
C LEU A 250 12.74 -0.41 -13.58
N THR A 251 11.77 0.50 -13.61
CA THR A 251 10.83 0.62 -14.75
C THR A 251 10.58 2.12 -14.93
N PRO A 252 10.12 2.56 -16.14
CA PRO A 252 9.76 3.99 -16.29
C PRO A 252 8.80 4.50 -15.19
N LEU A 253 7.75 3.73 -14.88
CA LEU A 253 6.75 4.06 -13.86
C LEU A 253 7.34 4.26 -12.45
N VAL A 254 8.22 3.35 -12.04
CA VAL A 254 8.96 3.43 -10.78
C VAL A 254 9.88 4.66 -10.81
N LEU A 255 10.58 4.86 -11.94
CA LEU A 255 11.42 6.06 -12.13
C LEU A 255 10.65 7.37 -11.93
N GLU A 256 9.49 7.49 -12.58
CA GLU A 256 8.70 8.71 -12.51
C GLU A 256 8.06 8.93 -11.12
N VAL A 257 7.48 7.86 -10.55
CA VAL A 257 6.79 7.97 -9.24
C VAL A 257 7.72 8.40 -8.10
N PHE A 258 8.89 7.80 -7.98
CA PHE A 258 9.77 8.10 -6.84
C PHE A 258 10.93 9.04 -7.17
N GLY A 259 11.20 9.29 -8.46
CA GLY A 259 12.38 10.04 -8.88
C GLY A 259 12.20 11.54 -8.94
O20 TEY B . 12.37 1.08 -3.81
C17 TEY B . 11.74 0.09 -4.67
C19 TEY B . 11.24 0.71 -5.97
C18 TEY B . 12.76 -0.94 -5.07
C16 TEY B . 10.54 -0.49 -3.93
C15 TEY B . 10.86 -1.24 -2.65
C14 TEY B . 9.55 -1.57 -1.95
C12 TEY B . 9.82 -2.40 -0.69
C13 TEY B . 10.47 -1.58 0.44
C9 TEY B . 8.58 -3.17 -0.17
C8 TEY B . 7.27 -2.38 -0.04
C7 TEY B . 6.19 -3.48 0.14
C5 TEY B . 8.19 -4.51 -0.80
C10 TEY B . 7.78 -4.42 -2.26
C2 TEY B . 9.19 -5.65 -0.58
C3 TEY B . 8.60 -7.06 -0.85
C4 TEY B . 7.19 -7.34 -0.30
C6 TEY B . 6.97 -4.81 0.06
C1 TEY B . 6.33 -6.09 -0.46
C21 TEY B . 5.13 -6.11 -1.05
C22 TEY B . 4.52 -7.34 -1.56
C23 TEY B . 3.55 -7.37 -2.52
C24 TEY B . 3.02 -8.73 -2.92
C28 TEY B . 2.99 -6.19 -3.21
C29 TEY B . 3.74 -5.19 -3.67
C27 TEY B . 1.49 -6.20 -3.42
O30 TEY B . 1.04 -5.14 -4.27
C26 TEY B . 1.08 -7.52 -4.05
C25 TEY B . 1.49 -8.65 -3.11
O32 TEY B . 0.82 -8.46 -1.84
C31 TEY B . 1.71 -7.74 -5.45
C33 TEY B . 0.89 -7.47 -6.72
N34 TEY B . -0.47 -8.03 -6.66
N35 TEY B . -0.77 -9.37 -6.38
C36 TEY B . -2.11 -9.45 -6.43
N37 TEY B . -2.63 -8.23 -6.73
N38 TEY B . -1.60 -7.27 -6.90
#